data_6RIK
#
_entry.id   6RIK
#
_cell.length_a   56.300
_cell.length_b   84.370
_cell.length_c   112.320
_cell.angle_alpha   90.00
_cell.angle_beta   90.00
_cell.angle_gamma   90.00
#
_symmetry.space_group_name_H-M   'P 21 21 21'
#
loop_
_entity.id
_entity.type
_entity.pdbx_description
1 polymer 'Laccase 2'
2 branched 2-acetamido-2-deoxy-beta-D-glucopyranose-(1-4)-2-acetamido-2-deoxy-beta-D-glucopyranose
3 non-polymer 'COPPER (II) ION'
4 non-polymer 'FLUORIDE ION'
5 non-polymer 'OXYGEN MOLECULE'
6 water water
#
_entity_poly.entity_id   1
_entity_poly.type   'polypeptide(L)'
_entity_poly.pdbx_seq_one_letter_code
;AQIGPVTDLHITNANISPDGFSRPAVLAGGTFPGPTIAGNTGDNFQITVFNDLTDPSMLTDTSIHWHGLFQKGTNWADGP
AFVTQCPIITGQSFDYNFNVPGQAGTFWYHSHLSTQYCDGLRGPFVVYDPNDPNASLYDVDDDTTIITLADWYHTLAQQE
PIGAAITADATLINGLGRSFTNTTASPLSVITVQSGKRYRMRLVSISCDPNYLFSIDGHDMTIIEVDGVNSQQLTVDQIQ
IFAAQRYSFVLNANQPVGNYWIRAQPNSGGQGFDGGINSAILRYEGATVEDPTTTAPTTFSNPLVETDLHPLADLGVPGQ
PFRGGADDPLVLNLAFANGRFSIDGVSFVPPTVPVLLQILSGAQNAQDLLPAGSVISLPSNSVIEVALPAGAAGGPHPFH
LHGHNFAVVQSANNATPNYVNPIWRDTVSIGGTGDNVTIRFTTNNPGPWFLHCHIDWHLEAGFAIVFAEDIPDTASANPV
PQAWSDLCPAYDQAHNIS
;
_entity_poly.pdbx_strand_id   A
#
loop_
_chem_comp.id
_chem_comp.type
_chem_comp.name
_chem_comp.formula
CU non-polymer 'COPPER (II) ION' 'Cu 2'
F non-polymer 'FLUORIDE ION' 'F -1'
NAG D-saccharide, beta linking 2-acetamido-2-deoxy-beta-D-glucopyranose 'C8 H15 N O6'
OXY non-polymer 'OXYGEN MOLECULE' O2
#
# COMPACT_ATOMS: atom_id res chain seq x y z
N ALA A 1 14.21 -6.49 15.89
CA ALA A 1 14.47 -5.14 15.32
C ALA A 1 13.18 -4.39 14.94
N GLN A 2 11.99 -4.86 15.41
CA GLN A 2 10.73 -4.12 15.23
C GLN A 2 10.71 -2.94 16.22
N ILE A 3 10.15 -1.85 15.83
CA ILE A 3 10.05 -0.69 16.67
C ILE A 3 8.56 -0.36 16.88
N GLY A 4 8.26 0.39 17.90
CA GLY A 4 6.93 0.77 18.20
C GLY A 4 6.28 -0.05 19.31
N PRO A 5 5.07 0.31 19.75
CA PRO A 5 4.18 1.29 19.12
C PRO A 5 4.56 2.77 19.38
N VAL A 6 5.39 3.05 20.40
CA VAL A 6 5.87 4.38 20.68
C VAL A 6 7.33 4.45 20.26
N THR A 7 7.67 5.30 19.31
CA THR A 7 9.03 5.34 18.76
C THR A 7 9.27 6.64 18.04
N ASP A 8 10.53 6.96 17.94
CA ASP A 8 11.04 7.98 17.03
C ASP A 8 11.27 7.31 15.67
N LEU A 9 11.13 8.10 14.59
CA LEU A 9 11.42 7.62 13.23
C LEU A 9 12.14 8.75 12.54
N HIS A 10 13.44 8.56 12.25
CA HIS A 10 14.18 9.65 11.61
C HIS A 10 14.14 9.43 10.10
N ILE A 11 13.89 10.50 9.36
CA ILE A 11 13.86 10.48 7.90
C ILE A 11 15.09 11.22 7.41
N THR A 12 15.94 10.53 6.68
CA THR A 12 17.24 11.06 6.27
C THR A 12 17.52 10.72 4.84
N ASN A 13 18.54 11.40 4.27
CA ASN A 13 19.11 11.04 3.07
C ASN A 13 20.33 10.19 3.20
N ALA A 14 20.54 9.22 2.34
CA ALA A 14 21.73 8.40 2.34
C ALA A 14 21.95 7.76 1.03
N ASN A 15 23.18 7.36 0.69
CA ASN A 15 23.38 6.47 -0.47
C ASN A 15 23.11 5.02 -0.15
N ILE A 16 22.47 4.32 -1.08
CA ILE A 16 22.26 2.91 -0.96
C ILE A 16 22.51 2.24 -2.32
N SER A 17 22.73 0.92 -2.26
CA SER A 17 23.07 0.16 -3.45
C SER A 17 22.40 -1.22 -3.40
N PRO A 18 21.07 -1.29 -3.39
CA PRO A 18 20.34 -2.56 -3.15
C PRO A 18 20.43 -3.54 -4.32
N ASP A 19 20.87 -3.08 -5.53
CA ASP A 19 21.06 -3.93 -6.71
C ASP A 19 22.51 -3.73 -7.26
N GLY A 20 23.39 -3.20 -6.43
CA GLY A 20 24.77 -2.94 -6.79
C GLY A 20 25.01 -1.58 -7.46
N PHE A 21 23.97 -0.79 -7.72
CA PHE A 21 24.11 0.57 -8.31
C PHE A 21 23.89 1.61 -7.17
N SER A 22 24.83 2.49 -6.92
CA SER A 22 24.70 3.45 -5.83
C SER A 22 23.86 4.67 -6.26
N ARG A 23 22.93 5.06 -5.39
CA ARG A 23 22.19 6.30 -5.57
C ARG A 23 21.74 6.86 -4.24
N PRO A 24 21.48 8.15 -4.18
CA PRO A 24 20.93 8.71 -2.96
C PRO A 24 19.45 8.31 -2.81
N ALA A 25 18.98 8.31 -1.60
CA ALA A 25 17.62 7.86 -1.27
C ALA A 25 17.10 8.68 -0.10
N VAL A 26 15.78 8.55 0.11
CA VAL A 26 15.06 9.08 1.26
C VAL A 26 14.68 7.87 2.11
N LEU A 27 15.21 7.77 3.32
CA LEU A 27 15.07 6.61 4.16
C LEU A 27 14.48 6.87 5.48
N ALA A 28 13.61 5.94 5.92
CA ALA A 28 13.17 5.90 7.31
C ALA A 28 14.09 4.96 8.08
N GLY A 29 14.58 5.40 9.24
CA GLY A 29 15.38 4.47 10.01
C GLY A 29 16.70 4.03 9.40
N GLY A 30 17.16 4.78 8.43
CA GLY A 30 18.44 4.49 7.82
C GLY A 30 18.50 3.30 6.89
N THR A 31 17.40 2.68 6.55
CA THR A 31 17.43 1.46 5.76
C THR A 31 16.37 1.48 4.68
N PHE A 32 16.56 0.64 3.68
CA PHE A 32 15.53 0.32 2.70
C PHE A 32 15.26 -1.17 2.70
N PRO A 33 14.00 -1.59 2.87
CA PRO A 33 12.88 -0.82 3.36
C PRO A 33 13.16 -0.30 4.75
N GLY A 34 12.31 0.58 5.20
CA GLY A 34 12.36 1.07 6.55
C GLY A 34 12.13 -0.01 7.55
N PRO A 35 12.41 0.29 8.83
CA PRO A 35 12.15 -0.67 9.89
C PRO A 35 10.68 -1.02 10.00
N THR A 36 10.41 -2.23 10.46
CA THR A 36 9.00 -2.59 10.73
C THR A 36 8.52 -1.89 12.00
N ILE A 37 7.40 -1.17 11.87
CA ILE A 37 6.70 -0.61 13.00
C ILE A 37 5.66 -1.65 13.42
N ALA A 38 5.55 -1.95 14.68
CA ALA A 38 4.64 -3.00 15.12
C ALA A 38 4.05 -2.65 16.45
N GLY A 39 2.88 -3.26 16.68
CA GLY A 39 2.19 -3.25 17.96
C GLY A 39 1.08 -4.27 17.93
N ASN A 40 0.28 -4.24 18.97
CA ASN A 40 -0.90 -5.10 19.07
C ASN A 40 -2.18 -4.35 18.75
N THR A 41 -3.22 -5.11 18.36
CA THR A 41 -4.50 -4.52 18.11
C THR A 41 -4.96 -3.64 19.29
N GLY A 42 -5.52 -2.50 18.96
CA GLY A 42 -5.97 -1.53 19.90
C GLY A 42 -4.90 -0.63 20.49
N ASP A 43 -3.62 -0.85 20.17
CA ASP A 43 -2.54 -0.05 20.74
C ASP A 43 -2.63 1.42 20.31
N ASN A 44 -2.04 2.27 21.17
CA ASN A 44 -1.76 3.66 20.86
C ASN A 44 -0.37 3.73 20.24
N PHE A 45 -0.33 4.07 18.99
CA PHE A 45 0.94 4.35 18.30
C PHE A 45 1.25 5.84 18.47
N GLN A 46 2.48 6.11 18.83
CA GLN A 46 2.99 7.47 18.92
CA GLN A 46 2.98 7.48 18.82
C GLN A 46 4.29 7.48 18.13
N ILE A 47 4.24 7.83 16.87
CA ILE A 47 5.37 7.74 15.94
C ILE A 47 5.82 9.16 15.74
N THR A 48 6.93 9.56 16.40
CA THR A 48 7.45 10.92 16.22
C THR A 48 8.38 10.92 15.05
N VAL A 49 7.97 11.53 13.96
CA VAL A 49 8.72 11.59 12.74
C VAL A 49 9.61 12.80 12.74
N PHE A 50 10.90 12.56 12.62
CA PHE A 50 11.93 13.64 12.57
C PHE A 50 12.36 13.81 11.12
N ASN A 51 12.06 14.97 10.52
CA ASN A 51 12.48 15.22 9.19
C ASN A 51 13.89 15.80 9.21
N ASP A 52 14.86 15.01 8.79
CA ASP A 52 16.24 15.45 8.70
C ASP A 52 16.70 15.45 7.25
N LEU A 53 15.83 15.67 6.30
CA LEU A 53 16.19 15.67 4.91
C LEU A 53 16.88 16.96 4.49
N THR A 54 17.93 16.83 3.66
CA THR A 54 18.62 18.03 3.17
C THR A 54 18.85 18.08 1.70
N ASP A 55 18.53 16.99 0.94
CA ASP A 55 18.80 16.96 -0.48
C ASP A 55 17.53 17.37 -1.27
N PRO A 56 17.49 18.54 -1.87
CA PRO A 56 16.28 18.97 -2.52
C PRO A 56 15.90 18.18 -3.74
N SER A 57 16.78 17.40 -4.31
CA SER A 57 16.47 16.57 -5.43
C SER A 57 15.42 15.50 -5.16
N MET A 58 15.17 15.20 -3.89
CA MET A 58 14.17 14.25 -3.49
C MET A 58 13.10 14.83 -2.56
N LEU A 59 13.11 16.17 -2.47
CA LEU A 59 12.24 16.98 -1.63
C LEU A 59 12.68 16.93 -0.19
N THR A 60 12.78 18.09 0.44
CA THR A 60 13.21 18.13 1.85
C THR A 60 12.01 18.15 2.84
N ASP A 61 10.79 18.26 2.33
CA ASP A 61 9.60 18.13 3.16
C ASP A 61 9.17 16.68 3.18
N THR A 62 8.30 16.28 4.12
CA THR A 62 7.76 14.90 4.08
C THR A 62 6.46 14.84 4.81
N SER A 63 5.72 13.74 4.56
CA SER A 63 4.52 13.42 5.30
C SER A 63 4.33 11.93 5.19
N ILE A 64 3.92 11.25 6.27
CA ILE A 64 3.91 9.78 6.23
C ILE A 64 2.47 9.29 6.43
N HIS A 65 2.06 8.37 5.54
CA HIS A 65 0.73 7.68 5.61
C HIS A 65 0.94 6.31 6.14
N TRP A 66 -0.01 5.92 7.04
CA TRP A 66 -0.03 4.61 7.65
C TRP A 66 -1.13 3.79 6.90
N HIS A 67 -0.69 3.09 5.91
CA HIS A 67 -1.63 2.57 4.88
C HIS A 67 -2.49 1.47 5.42
N GLY A 68 -3.82 1.75 5.31
CA GLY A 68 -4.82 0.73 5.75
C GLY A 68 -5.38 1.00 7.09
N LEU A 69 -4.78 1.89 7.90
CA LEU A 69 -5.29 2.15 9.21
C LEU A 69 -6.41 3.15 9.13
N PHE A 70 -7.51 2.90 9.85
CA PHE A 70 -8.72 3.70 9.62
C PHE A 70 -8.64 5.14 10.20
N GLN A 71 -7.85 5.39 11.24
CA GLN A 71 -7.66 6.74 11.75
C GLN A 71 -8.98 7.38 12.21
N LYS A 72 -9.90 6.56 12.75
CA LYS A 72 -11.19 7.11 13.19
C LYS A 72 -10.99 8.08 14.34
N GLY A 73 -11.45 9.33 14.16
CA GLY A 73 -11.19 10.35 15.13
C GLY A 73 -9.82 11.00 15.10
N THR A 74 -8.96 10.54 14.18
CA THR A 74 -7.62 11.06 14.03
C THR A 74 -7.29 11.27 12.54
N ASN A 75 -8.22 11.86 11.79
CA ASN A 75 -7.98 12.09 10.37
C ASN A 75 -6.72 12.92 10.14
N TRP A 76 -6.43 13.84 11.08
CA TRP A 76 -5.23 14.69 11.01
C TRP A 76 -3.92 13.92 10.98
N ALA A 77 -3.92 12.65 11.38
CA ALA A 77 -2.76 11.82 11.45
C ALA A 77 -2.60 10.86 10.25
N ASP A 78 -3.55 10.97 9.26
CA ASP A 78 -3.53 9.99 8.20
C ASP A 78 -2.35 10.13 7.26
N GLY A 79 -1.83 11.35 7.05
CA GLY A 79 -0.61 11.54 6.27
C GLY A 79 -0.67 12.10 4.85
N PRO A 80 -1.76 12.01 4.03
CA PRO A 80 -1.66 12.49 2.65
C PRO A 80 -1.48 14.01 2.61
N ALA A 81 -0.37 14.44 2.01
CA ALA A 81 -0.04 15.87 1.99
C ALA A 81 -1.11 16.62 1.23
N PHE A 82 -1.52 17.73 1.80
CA PHE A 82 -2.51 18.61 1.28
C PHE A 82 -3.96 18.07 1.30
N VAL A 83 -4.14 16.90 1.89
CA VAL A 83 -5.48 16.37 2.15
C VAL A 83 -5.75 16.47 3.65
N THR A 84 -4.85 15.85 4.44
CA THR A 84 -4.99 15.88 5.91
C THR A 84 -3.98 16.71 6.67
N GLN A 85 -2.91 17.09 5.99
CA GLN A 85 -1.88 17.94 6.63
C GLN A 85 -1.09 18.70 5.61
N CYS A 86 -0.39 19.76 6.04
CA CYS A 86 0.74 20.23 5.31
C CYS A 86 1.98 19.36 5.66
N PRO A 87 2.95 19.30 4.76
CA PRO A 87 4.14 18.54 5.05
C PRO A 87 4.93 19.09 6.24
N ILE A 88 5.69 18.16 6.85
CA ILE A 88 6.67 18.48 7.89
C ILE A 88 7.91 19.05 7.17
N ILE A 89 8.40 20.18 7.64
CA ILE A 89 9.60 20.78 7.01
C ILE A 89 10.87 20.28 7.66
N THR A 90 11.95 20.43 6.90
CA THR A 90 13.20 19.89 7.43
C THR A 90 13.59 20.58 8.72
N GLY A 91 14.21 19.78 9.62
CA GLY A 91 14.57 20.28 10.92
C GLY A 91 13.47 20.26 11.97
N GLN A 92 12.28 19.79 11.57
CA GLN A 92 11.17 19.73 12.49
C GLN A 92 10.72 18.28 12.63
N SER A 93 9.87 18.05 13.62
CA SER A 93 9.27 16.75 13.86
C SER A 93 7.80 16.87 14.13
N PHE A 94 7.16 15.72 14.03
CA PHE A 94 5.68 15.69 14.22
C PHE A 94 5.31 14.35 14.80
N ASP A 95 4.49 14.35 15.86
CA ASP A 95 4.03 13.11 16.51
C ASP A 95 2.69 12.63 15.93
N TYR A 96 2.75 11.60 15.15
CA TYR A 96 1.55 10.89 14.65
C TYR A 96 1.06 9.97 15.80
N ASN A 97 0.02 10.45 16.47
CA ASN A 97 -0.47 9.83 17.70
C ASN A 97 -1.87 9.31 17.42
N PHE A 98 -2.02 7.99 17.29
CA PHE A 98 -3.32 7.41 16.88
C PHE A 98 -3.47 6.07 17.50
N ASN A 99 -4.67 5.51 17.35
CA ASN A 99 -5.03 4.18 17.90
C ASN A 99 -5.46 3.31 16.76
N VAL A 100 -5.37 2.00 17.01
CA VAL A 100 -5.76 0.99 15.99
C VAL A 100 -6.85 0.03 16.53
N PRO A 101 -7.98 0.59 16.99
CA PRO A 101 -9.03 -0.28 17.43
C PRO A 101 -9.53 -1.16 16.28
N GLY A 102 -9.85 -2.41 16.60
CA GLY A 102 -10.59 -3.23 15.66
C GLY A 102 -9.85 -3.68 14.42
N GLN A 103 -8.53 -3.42 14.39
CA GLN A 103 -7.74 -3.82 13.25
C GLN A 103 -6.56 -4.66 13.70
N ALA A 104 -6.22 -5.64 12.90
CA ALA A 104 -5.08 -6.50 13.12
C ALA A 104 -4.72 -7.12 11.79
N GLY A 105 -3.46 -7.05 11.42
CA GLY A 105 -3.05 -7.57 10.16
C GLY A 105 -1.77 -6.91 9.68
N THR A 106 -1.56 -6.97 8.39
CA THR A 106 -0.38 -6.52 7.74
C THR A 106 -0.65 -5.24 6.98
N PHE A 107 0.09 -4.18 7.33
CA PHE A 107 -0.03 -2.86 6.80
C PHE A 107 1.38 -2.38 6.32
N TRP A 108 1.44 -1.09 5.96
CA TRP A 108 2.80 -0.52 5.61
C TRP A 108 2.65 0.95 5.76
N TYR A 109 3.84 1.64 5.75
CA TYR A 109 3.86 3.06 5.80
C TYR A 109 4.74 3.61 4.67
N HIS A 110 4.41 4.81 4.27
CA HIS A 110 5.14 5.41 3.18
C HIS A 110 4.95 6.87 3.12
N SER A 111 5.97 7.58 2.53
CA SER A 111 5.76 8.98 2.26
C SER A 111 4.46 9.15 1.42
N HIS A 112 3.79 10.22 1.69
CA HIS A 112 2.60 10.59 0.88
C HIS A 112 2.68 12.03 0.45
N LEU A 113 3.92 12.44 0.08
CA LEU A 113 4.16 13.71 -0.53
C LEU A 113 4.71 13.40 -1.93
N SER A 114 4.08 13.91 -2.98
CA SER A 114 4.59 13.72 -4.34
C SER A 114 4.91 12.24 -4.58
N THR A 115 5.97 11.96 -5.29
CA THR A 115 6.43 10.63 -5.60
C THR A 115 7.59 10.24 -4.65
N GLN A 116 7.68 10.88 -3.49
CA GLN A 116 8.80 10.64 -2.60
C GLN A 116 8.93 9.23 -2.10
N TYR A 117 7.83 8.46 -1.97
CA TYR A 117 8.06 7.09 -1.46
C TYR A 117 8.82 6.24 -2.44
N CYS A 118 8.75 6.62 -3.73
CA CYS A 118 9.55 5.90 -4.69
C CYS A 118 11.06 6.01 -4.43
N ASP A 119 11.47 7.15 -3.87
CA ASP A 119 12.88 7.40 -3.49
C ASP A 119 13.33 6.67 -2.24
N GLY A 120 12.42 5.96 -1.54
CA GLY A 120 12.82 5.04 -0.53
C GLY A 120 12.05 5.02 0.77
N LEU A 121 11.16 5.95 1.00
CA LEU A 121 10.53 6.06 2.31
C LEU A 121 9.27 5.12 2.33
N ARG A 122 9.53 3.90 2.65
CA ARG A 122 8.49 2.81 2.62
C ARG A 122 8.92 1.72 3.56
N GLY A 123 8.01 1.16 4.36
CA GLY A 123 8.38 0.09 5.19
C GLY A 123 7.13 -0.65 5.73
N PRO A 124 7.28 -1.82 6.32
CA PRO A 124 6.15 -2.59 6.84
C PRO A 124 5.60 -2.08 8.16
N PHE A 125 4.31 -2.37 8.43
CA PHE A 125 3.67 -1.94 9.64
C PHE A 125 2.75 -3.11 10.06
N VAL A 126 3.00 -3.77 11.15
CA VAL A 126 2.28 -4.96 11.54
C VAL A 126 1.55 -4.74 12.82
N VAL A 127 0.26 -5.10 12.83
CA VAL A 127 -0.58 -5.03 14.02
C VAL A 127 -0.92 -6.46 14.38
N TYR A 128 -0.28 -7.00 15.39
CA TYR A 128 -0.49 -8.37 15.83
C TYR A 128 -1.81 -8.49 16.65
N ASP A 129 -2.38 -9.70 16.60
CA ASP A 129 -3.56 -10.02 17.36
C ASP A 129 -3.24 -11.11 18.40
N PRO A 130 -3.30 -10.80 19.72
CA PRO A 130 -2.97 -11.78 20.69
C PRO A 130 -3.94 -12.96 20.71
N ASN A 131 -5.15 -12.79 20.19
CA ASN A 131 -6.19 -13.79 20.11
C ASN A 131 -6.50 -14.09 18.62
N ASP A 132 -5.49 -14.11 17.76
CA ASP A 132 -5.68 -14.26 16.34
C ASP A 132 -6.42 -15.53 16.05
N PRO A 133 -7.55 -15.49 15.31
CA PRO A 133 -8.25 -16.72 14.95
C PRO A 133 -7.45 -17.67 14.09
N ASN A 134 -6.42 -17.19 13.40
CA ASN A 134 -5.60 -18.04 12.57
C ASN A 134 -4.36 -18.59 13.27
N ALA A 135 -4.20 -18.34 14.57
CA ALA A 135 -2.92 -18.65 15.29
C ALA A 135 -2.54 -20.08 15.18
N SER A 136 -3.48 -21.00 15.24
CA SER A 136 -3.13 -22.39 15.23
C SER A 136 -2.70 -22.92 13.88
N LEU A 137 -2.75 -22.10 12.83
CA LEU A 137 -2.35 -22.52 11.55
C LEU A 137 -0.85 -22.44 11.28
N TYR A 138 -0.06 -21.84 12.17
CA TYR A 138 1.37 -21.66 11.95
C TYR A 138 2.04 -21.62 13.29
N ASP A 139 3.38 -21.76 13.23
CA ASP A 139 4.25 -21.81 14.36
C ASP A 139 5.08 -20.53 14.51
N VAL A 140 5.44 -19.87 13.42
CA VAL A 140 6.34 -18.73 13.45
C VAL A 140 5.74 -17.55 12.73
N ASP A 141 5.76 -16.39 13.36
CA ASP A 141 5.21 -15.13 12.80
C ASP A 141 6.01 -13.99 13.41
N ASP A 142 7.02 -13.48 12.73
CA ASP A 142 7.90 -12.48 13.33
C ASP A 142 8.58 -11.67 12.25
N ASP A 143 9.55 -10.84 12.57
CA ASP A 143 10.16 -10.01 11.56
C ASP A 143 10.76 -10.80 10.40
N THR A 144 11.16 -12.06 10.70
CA THR A 144 11.82 -12.90 9.69
C THR A 144 10.79 -13.50 8.73
N THR A 145 9.50 -13.31 8.95
CA THR A 145 8.49 -13.84 8.02
C THR A 145 7.83 -12.72 7.21
N ILE A 146 8.33 -11.53 7.26
CA ILE A 146 7.84 -10.45 6.41
C ILE A 146 8.59 -10.49 5.06
N ILE A 147 7.88 -10.44 3.96
CA ILE A 147 8.46 -10.39 2.61
C ILE A 147 7.97 -9.15 1.95
N THR A 148 8.86 -8.20 1.69
CA THR A 148 8.50 -7.03 0.93
C THR A 148 8.89 -7.15 -0.53
N LEU A 149 8.04 -6.65 -1.42
CA LEU A 149 8.34 -6.56 -2.86
C LEU A 149 8.37 -5.13 -3.22
N ALA A 150 9.46 -4.68 -3.84
CA ALA A 150 9.65 -3.30 -4.18
C ALA A 150 10.23 -3.17 -5.60
N ASP A 151 9.79 -2.11 -6.30
CA ASP A 151 10.46 -1.64 -7.48
C ASP A 151 11.49 -0.61 -7.09
N TRP A 152 12.57 -0.59 -7.83
CA TRP A 152 13.68 0.33 -7.55
C TRP A 152 14.12 0.95 -8.88
N TYR A 153 14.41 2.25 -8.81
CA TYR A 153 14.72 3.06 -9.98
C TYR A 153 16.13 3.64 -9.79
N HIS A 154 16.85 3.70 -10.89
CA HIS A 154 18.17 4.37 -10.85
C HIS A 154 18.06 5.87 -10.99
N THR A 155 17.06 6.35 -11.71
CA THR A 155 16.75 7.74 -11.82
C THR A 155 15.94 8.18 -10.63
N LEU A 156 16.23 9.37 -10.13
CA LEU A 156 15.50 9.94 -8.98
C LEU A 156 14.06 10.31 -9.43
N ALA A 157 13.09 10.14 -8.51
CA ALA A 157 11.69 10.34 -8.85
C ALA A 157 11.35 11.66 -9.43
N GLN A 158 11.94 12.72 -8.82
CA GLN A 158 11.70 14.08 -9.29
C GLN A 158 12.36 14.36 -10.63
N GLN A 159 13.30 13.51 -11.05
CA GLN A 159 14.15 13.72 -12.24
C GLN A 159 13.72 12.81 -13.40
N GLU A 160 12.56 12.11 -13.31
CA GLU A 160 12.05 11.24 -14.41
C GLU A 160 11.64 12.25 -15.50
N PRO A 161 12.25 12.12 -16.70
CA PRO A 161 11.96 13.17 -17.72
C PRO A 161 10.50 13.19 -18.19
N ILE A 162 9.96 14.39 -18.39
CA ILE A 162 8.60 14.60 -18.88
C ILE A 162 8.40 13.89 -20.21
N GLY A 163 7.36 13.06 -20.31
CA GLY A 163 7.03 12.38 -21.58
C GLY A 163 7.93 11.23 -22.01
N ALA A 164 8.79 10.75 -21.10
CA ALA A 164 9.50 9.50 -21.31
C ALA A 164 8.81 8.43 -20.44
N ALA A 165 8.84 7.20 -20.90
CA ALA A 165 8.22 6.09 -20.18
C ALA A 165 9.03 5.80 -18.95
N ILE A 166 8.34 5.57 -17.84
CA ILE A 166 8.94 5.22 -16.55
C ILE A 166 8.88 3.73 -16.34
N THR A 167 10.03 3.07 -16.29
N THR A 167 10.04 3.14 -16.08
CA THR A 167 10.10 1.66 -15.82
CA THR A 167 10.22 1.68 -15.91
C THR A 167 11.21 1.52 -14.75
N ALA A 168 11.03 0.52 -13.91
CA ALA A 168 12.02 0.29 -12.88
C ALA A 168 13.26 -0.38 -13.44
N ASP A 169 14.31 -0.33 -12.62
CA ASP A 169 15.59 -0.94 -12.90
C ASP A 169 15.85 -2.21 -12.17
N ALA A 170 15.10 -2.52 -11.13
CA ALA A 170 15.33 -3.76 -10.37
C ALA A 170 14.06 -4.05 -9.61
N THR A 171 13.87 -5.34 -9.35
CA THR A 171 12.93 -5.81 -8.32
C THR A 171 13.73 -6.16 -7.03
N LEU A 172 13.29 -5.64 -5.91
CA LEU A 172 13.93 -5.90 -4.64
C LEU A 172 12.97 -6.74 -3.79
N ILE A 173 13.46 -7.81 -3.27
CA ILE A 173 12.72 -8.69 -2.35
C ILE A 173 13.44 -8.55 -1.01
N ASN A 174 12.78 -8.08 0.00
CA ASN A 174 13.43 -7.73 1.27
C ASN A 174 14.65 -6.85 1.08
N GLY A 175 14.53 -5.91 0.19
CA GLY A 175 15.55 -4.89 -0.01
C GLY A 175 16.70 -5.25 -0.89
N LEU A 176 16.76 -6.44 -1.47
CA LEU A 176 17.88 -6.82 -2.28
C LEU A 176 17.38 -7.41 -3.59
N GLY A 177 18.13 -7.23 -4.63
CA GLY A 177 17.83 -7.88 -5.90
C GLY A 177 18.76 -7.41 -6.97
N ARG A 178 18.63 -7.88 -8.19
CA ARG A 178 19.60 -7.55 -9.20
C ARG A 178 18.98 -6.69 -10.34
N SER A 179 19.81 -5.87 -10.92
CA SER A 179 19.35 -4.95 -11.95
C SER A 179 19.02 -5.63 -13.26
N PHE A 180 18.00 -5.10 -13.95
CA PHE A 180 17.57 -5.68 -15.22
C PHE A 180 18.56 -5.54 -16.34
N THR A 181 19.29 -4.44 -16.32
CA THR A 181 20.34 -4.19 -17.28
C THR A 181 21.62 -4.02 -16.54
N ASN A 182 22.72 -4.29 -17.23
CA ASN A 182 24.05 -4.30 -16.60
C ASN A 182 24.02 -5.16 -15.32
N THR A 183 23.37 -6.32 -15.36
CA THR A 183 23.16 -7.11 -14.18
C THR A 183 24.46 -7.51 -13.57
N THR A 184 24.62 -7.24 -12.30
CA THR A 184 25.77 -7.75 -11.56
C THR A 184 25.30 -8.72 -10.48
N ALA A 185 26.20 -9.59 -10.06
CA ALA A 185 25.85 -10.66 -9.08
C ALA A 185 25.84 -10.19 -7.64
N SER A 186 25.07 -9.13 -7.40
CA SER A 186 24.92 -8.55 -6.10
C SER A 186 24.13 -9.52 -5.20
N PRO A 187 24.23 -9.40 -3.85
CA PRO A 187 23.62 -10.39 -3.01
C PRO A 187 22.11 -10.43 -3.12
N LEU A 188 21.54 -11.63 -3.07
CA LEU A 188 20.09 -11.87 -3.02
C LEU A 188 19.65 -12.08 -1.62
N SER A 189 18.38 -11.73 -1.34
CA SER A 189 17.82 -11.99 -0.04
C SER A 189 17.61 -13.50 0.19
N VAL A 190 17.79 -13.89 1.46
CA VAL A 190 17.58 -15.26 1.89
C VAL A 190 16.52 -15.24 2.96
N ILE A 191 15.50 -16.08 2.79
CA ILE A 191 14.49 -16.34 3.77
C ILE A 191 14.78 -17.74 4.30
N THR A 192 14.96 -17.90 5.59
CA THR A 192 15.37 -19.18 6.16
C THR A 192 14.18 -19.84 6.88
N VAL A 193 13.99 -21.12 6.64
CA VAL A 193 12.97 -21.89 7.29
C VAL A 193 13.58 -23.19 7.83
N GLN A 194 12.86 -23.79 8.79
CA GLN A 194 13.23 -25.04 9.40
C GLN A 194 12.26 -26.10 8.89
N SER A 195 12.80 -27.20 8.39
CA SER A 195 12.01 -28.34 7.93
C SER A 195 11.00 -28.78 9.02
N GLY A 196 9.75 -28.84 8.61
CA GLY A 196 8.62 -29.26 9.45
C GLY A 196 7.86 -28.15 10.06
N LYS A 197 8.39 -26.94 10.11
CA LYS A 197 7.65 -25.82 10.66
C LYS A 197 6.75 -25.11 9.64
N ARG A 198 5.77 -24.40 10.21
CA ARG A 198 4.82 -23.62 9.42
CA ARG A 198 4.83 -23.59 9.41
C ARG A 198 4.97 -22.14 9.76
N TYR A 199 4.96 -21.31 8.74
CA TYR A 199 5.33 -19.89 8.88
C TYR A 199 4.15 -19.04 8.38
N ARG A 200 3.85 -17.98 9.14
CA ARG A 200 2.94 -16.91 8.60
C ARG A 200 3.79 -15.92 7.84
N MET A 201 3.83 -16.08 6.53
CA MET A 201 4.54 -15.14 5.67
C MET A 201 3.64 -13.98 5.44
N ARG A 202 4.14 -12.79 5.63
CA ARG A 202 3.41 -11.55 5.43
C ARG A 202 3.96 -10.86 4.20
N LEU A 203 3.28 -10.96 3.08
CA LEU A 203 3.69 -10.48 1.80
C LEU A 203 3.16 -9.10 1.57
N VAL A 204 4.09 -8.13 1.42
CA VAL A 204 3.71 -6.75 1.34
C VAL A 204 4.22 -6.16 0.06
N SER A 205 3.34 -5.67 -0.79
CA SER A 205 3.79 -4.91 -1.91
C SER A 205 3.95 -3.45 -1.52
N ILE A 206 5.25 -2.99 -1.49
CA ILE A 206 5.57 -1.59 -1.31
C ILE A 206 5.90 -0.95 -2.62
N SER A 207 5.36 -1.48 -3.70
CA SER A 207 5.57 -0.98 -5.06
C SER A 207 5.06 0.42 -5.28
N CYS A 208 5.81 1.17 -6.11
CA CYS A 208 5.33 2.42 -6.72
C CYS A 208 4.53 2.20 -7.98
N ASP A 209 4.60 0.99 -8.59
CA ASP A 209 3.99 0.81 -9.90
C ASP A 209 3.69 -0.63 -10.21
N PRO A 210 4.70 -1.50 -10.48
CA PRO A 210 4.29 -2.80 -11.02
C PRO A 210 3.54 -3.67 -10.07
N ASN A 211 2.74 -4.56 -10.68
CA ASN A 211 2.24 -5.72 -10.00
C ASN A 211 3.21 -6.87 -10.19
N TYR A 212 3.21 -7.80 -9.23
CA TYR A 212 4.13 -8.93 -9.30
C TYR A 212 3.37 -10.26 -9.32
N LEU A 213 3.94 -11.18 -10.08
CA LEU A 213 3.50 -12.59 -9.99
C LEU A 213 4.47 -13.29 -9.05
N PHE A 214 4.01 -13.59 -7.83
CA PHE A 214 4.86 -14.07 -6.73
C PHE A 214 4.67 -15.57 -6.56
N SER A 215 5.73 -16.32 -6.53
CA SER A 215 5.67 -17.75 -6.31
C SER A 215 6.94 -18.24 -5.61
N ILE A 216 6.90 -19.42 -5.09
CA ILE A 216 8.05 -20.07 -4.46
C ILE A 216 8.17 -21.46 -5.01
N ASP A 217 9.28 -21.75 -5.71
CA ASP A 217 9.45 -23.05 -6.36
C ASP A 217 9.22 -24.17 -5.34
N GLY A 218 8.48 -25.15 -5.77
CA GLY A 218 8.25 -26.34 -4.95
C GLY A 218 7.23 -26.20 -3.86
N HIS A 219 6.74 -25.00 -3.62
CA HIS A 219 5.94 -24.74 -2.45
C HIS A 219 4.59 -24.22 -2.94
C HIS A 219 4.58 -24.01 -2.56
N ASP A 220 3.59 -24.38 -2.10
N ASP A 220 3.52 -24.60 -2.01
CA ASP A 220 2.33 -23.66 -2.29
CA ASP A 220 2.19 -23.94 -2.04
C ASP A 220 2.10 -22.80 -1.05
N MET A 221 1.06 -21.99 -1.11
CA MET A 221 0.86 -20.87 -0.20
C MET A 221 -0.61 -20.90 0.21
N THR A 222 -0.89 -20.86 1.49
CA THR A 222 -2.31 -20.90 1.95
C THR A 222 -2.65 -19.51 2.47
N ILE A 223 -3.43 -18.74 1.72
CA ILE A 223 -3.79 -17.40 2.08
C ILE A 223 -4.72 -17.38 3.28
N ILE A 224 -4.43 -16.56 4.29
CA ILE A 224 -5.19 -16.42 5.49
C ILE A 224 -5.52 -14.98 5.83
N GLU A 225 -5.00 -14.01 5.07
CA GLU A 225 -5.31 -12.61 5.33
C GLU A 225 -5.14 -11.85 4.01
N VAL A 226 -5.99 -10.84 3.83
CA VAL A 226 -6.00 -10.00 2.64
C VAL A 226 -6.14 -8.57 3.08
N ASP A 227 -5.09 -7.75 2.85
CA ASP A 227 -5.17 -6.31 3.22
C ASP A 227 -5.71 -6.11 4.65
N GLY A 228 -5.26 -6.87 5.64
CA GLY A 228 -5.78 -6.70 6.98
C GLY A 228 -7.06 -7.49 7.34
N VAL A 229 -7.64 -8.17 6.41
CA VAL A 229 -8.92 -8.87 6.63
C VAL A 229 -8.65 -10.35 6.67
N ASN A 230 -8.95 -11.03 7.77
CA ASN A 230 -8.72 -12.47 7.83
C ASN A 230 -9.62 -13.17 6.77
N SER A 231 -9.06 -14.13 6.12
CA SER A 231 -9.75 -14.91 5.05
C SER A 231 -9.88 -16.35 5.47
N GLN A 232 -10.83 -17.02 4.86
CA GLN A 232 -10.83 -18.47 4.79
C GLN A 232 -9.52 -18.93 4.12
N GLN A 233 -9.06 -20.11 4.49
CA GLN A 233 -7.81 -20.64 3.91
C GLN A 233 -7.99 -20.88 2.43
N LEU A 234 -7.12 -20.34 1.58
CA LEU A 234 -7.18 -20.57 0.16
C LEU A 234 -5.78 -20.97 -0.33
N THR A 235 -5.61 -22.20 -0.80
CA THR A 235 -4.27 -22.61 -1.23
C THR A 235 -4.06 -22.30 -2.71
N VAL A 236 -2.91 -21.64 -3.00
CA VAL A 236 -2.57 -21.18 -4.31
C VAL A 236 -1.07 -21.50 -4.57
N ASP A 237 -0.68 -21.50 -5.81
CA ASP A 237 0.74 -21.67 -6.13
C ASP A 237 1.36 -20.41 -6.71
N GLN A 238 0.57 -19.34 -6.94
CA GLN A 238 1.08 -18.08 -7.44
C GLN A 238 0.15 -17.01 -6.96
N ILE A 239 0.64 -15.85 -6.59
CA ILE A 239 -0.18 -14.73 -6.21
C ILE A 239 0.18 -13.52 -7.07
N GLN A 240 -0.79 -12.94 -7.80
CA GLN A 240 -0.62 -11.63 -8.44
C GLN A 240 -0.96 -10.57 -7.44
N ILE A 241 0.07 -9.80 -7.03
CA ILE A 241 -0.09 -8.78 -6.01
C ILE A 241 0.15 -7.41 -6.60
N PHE A 242 -0.81 -6.54 -6.43
CA PHE A 242 -0.77 -5.20 -7.00
C PHE A 242 -0.20 -4.22 -5.97
N ALA A 243 0.20 -3.05 -6.48
CA ALA A 243 0.84 -2.05 -5.62
C ALA A 243 0.00 -1.81 -4.39
N ALA A 244 0.64 -1.90 -3.19
CA ALA A 244 0.10 -1.55 -1.92
C ALA A 244 -0.74 -2.64 -1.24
N GLN A 245 -0.95 -3.76 -1.95
CA GLN A 245 -1.75 -4.88 -1.37
C GLN A 245 -0.89 -5.69 -0.43
N ARG A 246 -1.50 -6.44 0.47
CA ARG A 246 -0.83 -7.34 1.35
C ARG A 246 -1.56 -8.67 1.43
N TYR A 247 -0.84 -9.73 1.58
CA TYR A 247 -1.43 -11.06 1.85
C TYR A 247 -0.68 -11.72 2.98
N SER A 248 -1.28 -12.40 3.91
CA SER A 248 -0.58 -13.36 4.67
C SER A 248 -0.82 -14.74 4.17
N PHE A 249 0.17 -15.60 4.10
CA PHE A 249 0.00 -16.95 3.70
C PHE A 249 0.78 -17.87 4.61
N VAL A 250 0.28 -19.07 4.81
CA VAL A 250 1.02 -20.07 5.51
C VAL A 250 1.92 -20.77 4.52
N LEU A 251 3.20 -20.79 4.88
CA LEU A 251 4.20 -21.59 4.17
C LEU A 251 4.54 -22.75 5.04
N ASN A 252 4.34 -23.94 4.54
CA ASN A 252 4.68 -25.22 5.24
C ASN A 252 6.05 -25.61 4.70
N ALA A 253 7.05 -25.68 5.58
CA ALA A 253 8.37 -26.08 5.13
C ALA A 253 8.41 -27.61 5.02
N ASN A 254 7.75 -28.12 4.00
CA ASN A 254 7.50 -29.56 3.83
C ASN A 254 8.17 -30.13 2.60
N GLN A 255 9.16 -29.44 2.03
CA GLN A 255 9.90 -29.93 0.92
C GLN A 255 11.29 -30.41 1.39
N PRO A 256 12.01 -31.13 0.55
CA PRO A 256 13.31 -31.58 1.02
C PRO A 256 14.23 -30.42 1.39
N VAL A 257 15.07 -30.64 2.40
CA VAL A 257 16.01 -29.62 2.79
C VAL A 257 16.84 -29.22 1.58
N GLY A 258 16.84 -27.91 1.29
CA GLY A 258 17.44 -27.41 0.12
C GLY A 258 17.27 -25.91 -0.03
N ASN A 259 17.52 -25.48 -1.24
CA ASN A 259 17.41 -24.10 -1.70
C ASN A 259 16.34 -24.02 -2.81
N TYR A 260 15.46 -23.05 -2.71
CA TYR A 260 14.35 -22.91 -3.65
C TYR A 260 14.27 -21.46 -4.08
N TRP A 261 14.05 -21.23 -5.35
CA TRP A 261 13.86 -19.84 -5.80
C TRP A 261 12.52 -19.26 -5.35
N ILE A 262 12.58 -18.03 -4.86
CA ILE A 262 11.45 -17.16 -4.65
C ILE A 262 11.38 -16.22 -5.84
N ARG A 263 10.23 -16.13 -6.47
CA ARG A 263 10.10 -15.41 -7.76
C ARG A 263 9.11 -14.27 -7.60
N ALA A 264 9.42 -13.09 -8.14
CA ALA A 264 8.49 -11.98 -8.17
C ALA A 264 8.61 -11.32 -9.51
N GLN A 265 7.73 -11.66 -10.46
CA GLN A 265 7.83 -11.16 -11.82
C GLN A 265 6.99 -9.90 -12.01
N PRO A 266 7.64 -8.72 -12.19
CA PRO A 266 6.85 -7.53 -12.44
C PRO A 266 6.18 -7.53 -13.81
N ASN A 267 5.07 -6.74 -13.92
CA ASN A 267 4.39 -6.65 -15.21
C ASN A 267 5.09 -5.75 -16.20
N SER A 268 6.07 -4.97 -15.79
CA SER A 268 6.93 -4.17 -16.64
C SER A 268 8.34 -4.30 -16.12
N GLY A 269 9.30 -3.81 -16.86
CA GLY A 269 10.69 -4.04 -16.52
C GLY A 269 11.14 -5.43 -16.96
N GLY A 270 12.19 -5.95 -16.37
CA GLY A 270 12.78 -7.16 -16.79
C GLY A 270 11.90 -8.35 -16.72
N GLN A 271 11.84 -9.07 -17.83
CA GLN A 271 11.08 -10.27 -17.90
C GLN A 271 11.97 -11.49 -17.71
N GLY A 272 11.51 -12.43 -16.88
CA GLY A 272 12.26 -13.65 -16.60
C GLY A 272 13.24 -13.43 -15.42
N PHE A 273 14.17 -14.38 -15.31
CA PHE A 273 14.99 -14.54 -14.16
C PHE A 273 16.49 -14.65 -14.51
N ASP A 274 16.88 -14.26 -15.73
CA ASP A 274 18.28 -14.38 -16.15
C ASP A 274 19.18 -13.61 -15.22
N GLY A 275 20.31 -14.23 -14.83
CA GLY A 275 21.21 -13.62 -13.91
C GLY A 275 20.71 -13.47 -12.50
N GLY A 276 19.56 -14.04 -12.17
CA GLY A 276 18.98 -13.89 -10.86
C GLY A 276 18.19 -12.65 -10.61
N ILE A 277 17.75 -11.96 -11.66
CA ILE A 277 16.81 -10.87 -11.48
C ILE A 277 15.50 -11.40 -10.96
N ASN A 278 14.73 -10.55 -10.35
CA ASN A 278 13.35 -10.92 -9.95
C ASN A 278 13.30 -12.08 -8.99
N SER A 279 14.34 -12.28 -8.18
CA SER A 279 14.54 -13.46 -7.41
C SER A 279 15.06 -13.23 -6.00
N ALA A 280 14.74 -14.17 -5.12
CA ALA A 280 15.29 -14.33 -3.80
C ALA A 280 15.42 -15.83 -3.53
N ILE A 281 15.93 -16.19 -2.36
CA ILE A 281 16.21 -17.58 -2.04
C ILE A 281 15.49 -18.01 -0.78
N LEU A 282 14.77 -19.12 -0.85
CA LEU A 282 14.20 -19.79 0.32
C LEU A 282 15.20 -20.90 0.69
N ARG A 283 15.81 -20.80 1.86
CA ARG A 283 16.83 -21.76 2.26
C ARG A 283 16.38 -22.48 3.52
N TYR A 284 16.41 -23.82 3.48
CA TYR A 284 16.11 -24.57 4.68
C TYR A 284 17.39 -24.64 5.55
N GLU A 285 17.17 -24.63 6.82
CA GLU A 285 18.26 -24.88 7.76
C GLU A 285 18.93 -26.17 7.44
N GLY A 286 20.26 -26.18 7.35
CA GLY A 286 20.98 -27.39 6.95
C GLY A 286 21.30 -27.54 5.49
N ALA A 287 20.66 -26.75 4.63
CA ALA A 287 21.00 -26.72 3.23
C ALA A 287 22.38 -26.12 2.97
N THR A 288 22.95 -26.51 1.87
CA THR A 288 24.14 -25.92 1.40
C THR A 288 23.91 -24.44 1.09
N VAL A 289 24.90 -23.60 1.38
CA VAL A 289 24.86 -22.21 0.95
C VAL A 289 25.29 -22.09 -0.52
N GLU A 290 24.26 -22.10 -1.35
CA GLU A 290 24.40 -22.07 -2.82
C GLU A 290 23.05 -21.67 -3.41
N ASP A 291 23.08 -21.23 -4.64
CA ASP A 291 21.87 -20.82 -5.30
C ASP A 291 20.96 -22.03 -5.56
N PRO A 292 19.65 -21.82 -5.55
CA PRO A 292 18.74 -22.85 -5.97
C PRO A 292 18.98 -23.29 -7.41
N THR A 293 18.59 -24.52 -7.71
CA THR A 293 18.57 -25.06 -9.02
C THR A 293 17.15 -25.42 -9.53
N THR A 294 16.14 -24.98 -8.79
CA THR A 294 14.79 -25.30 -9.11
C THR A 294 14.30 -24.52 -10.32
N THR A 295 13.23 -25.00 -10.95
CA THR A 295 12.54 -24.21 -12.05
C THR A 295 11.13 -24.02 -11.70
N ALA A 296 10.60 -22.95 -12.28
CA ALA A 296 9.16 -22.72 -12.23
C ALA A 296 8.42 -23.65 -13.21
N PRO A 297 7.12 -23.96 -13.02
CA PRO A 297 6.31 -24.63 -14.10
C PRO A 297 6.17 -23.68 -15.27
N THR A 298 5.72 -24.20 -16.40
CA THR A 298 5.34 -23.36 -17.49
C THR A 298 4.05 -22.65 -17.22
N THR A 299 3.13 -23.34 -16.56
CA THR A 299 1.80 -22.88 -16.26
C THR A 299 1.55 -23.23 -14.81
N PHE A 300 1.10 -22.28 -14.01
CA PHE A 300 0.79 -22.53 -12.60
C PHE A 300 -0.57 -23.20 -12.44
N SER A 301 -0.63 -24.15 -11.52
CA SER A 301 -1.85 -24.97 -11.36
C SER A 301 -3.03 -24.27 -10.69
N ASN A 302 -2.71 -23.40 -9.73
CA ASN A 302 -3.70 -22.79 -8.86
C ASN A 302 -3.35 -21.36 -8.57
N PRO A 303 -3.34 -20.51 -9.60
CA PRO A 303 -3.07 -19.09 -9.32
C PRO A 303 -4.19 -18.49 -8.47
N LEU A 304 -3.91 -17.48 -7.68
CA LEU A 304 -4.94 -16.74 -6.96
C LEU A 304 -5.90 -16.10 -7.99
N VAL A 305 -7.18 -16.26 -7.72
CA VAL A 305 -8.23 -15.51 -8.39
C VAL A 305 -9.04 -14.84 -7.26
N GLU A 306 -9.26 -13.53 -7.34
CA GLU A 306 -9.73 -12.74 -6.20
C GLU A 306 -11.15 -13.18 -5.75
N THR A 307 -11.97 -13.65 -6.68
CA THR A 307 -13.32 -14.09 -6.33
C THR A 307 -13.28 -15.37 -5.54
N ASP A 308 -12.16 -16.08 -5.47
CA ASP A 308 -12.07 -17.27 -4.65
C ASP A 308 -11.82 -16.96 -3.16
N LEU A 309 -11.44 -15.71 -2.85
CA LEU A 309 -11.21 -15.28 -1.46
C LEU A 309 -12.50 -14.96 -0.76
N HIS A 310 -12.65 -15.36 0.49
CA HIS A 310 -13.83 -14.99 1.28
C HIS A 310 -13.40 -14.67 2.72
N PRO A 311 -14.05 -13.79 3.36
CA PRO A 311 -13.70 -13.47 4.74
C PRO A 311 -13.87 -14.62 5.67
N LEU A 312 -13.00 -14.70 6.69
CA LEU A 312 -13.12 -15.68 7.72
C LEU A 312 -14.37 -15.41 8.56
N ALA A 313 -14.60 -14.15 8.91
CA ALA A 313 -15.79 -13.73 9.64
C ALA A 313 -16.96 -13.55 8.70
N ASP A 314 -18.17 -13.52 9.23
CA ASP A 314 -19.36 -13.30 8.37
C ASP A 314 -19.52 -11.77 8.19
N LEU A 315 -18.86 -11.21 7.18
CA LEU A 315 -18.86 -9.78 6.95
C LEU A 315 -20.00 -9.32 6.05
N GLY A 316 -20.49 -10.23 5.20
CA GLY A 316 -21.53 -9.87 4.24
C GLY A 316 -21.15 -8.74 3.29
N VAL A 317 -22.19 -8.05 2.82
CA VAL A 317 -22.05 -6.90 1.95
C VAL A 317 -23.13 -5.91 2.37
N PRO A 318 -22.81 -4.64 2.60
CA PRO A 318 -23.90 -3.70 2.96
C PRO A 318 -24.76 -3.36 1.74
N GLY A 319 -25.96 -2.92 2.01
CA GLY A 319 -26.86 -2.52 0.95
C GLY A 319 -27.70 -3.64 0.41
N GLN A 320 -28.19 -3.47 -0.80
CA GLN A 320 -29.09 -4.47 -1.47
C GLN A 320 -28.37 -5.17 -2.55
N PRO A 321 -28.77 -6.39 -2.87
CA PRO A 321 -28.04 -7.22 -3.82
C PRO A 321 -28.24 -7.00 -5.30
N PHE A 322 -27.98 -5.77 -5.73
CA PHE A 322 -28.04 -5.40 -7.14
C PHE A 322 -27.31 -4.10 -7.33
N ARG A 323 -26.97 -3.83 -8.59
CA ARG A 323 -26.21 -2.58 -8.94
C ARG A 323 -27.02 -1.38 -8.58
N GLY A 324 -26.35 -0.43 -7.95
CA GLY A 324 -27.07 0.71 -7.47
C GLY A 324 -27.83 0.56 -6.20
N GLY A 325 -27.76 -0.63 -5.60
CA GLY A 325 -28.47 -0.93 -4.33
C GLY A 325 -27.79 -0.38 -3.09
N ALA A 326 -27.59 0.92 -3.08
CA ALA A 326 -26.89 1.63 -1.97
C ALA A 326 -27.58 2.94 -1.80
N ASP A 327 -27.35 3.57 -0.67
CA ASP A 327 -27.87 4.91 -0.37
C ASP A 327 -27.23 5.97 -1.28
N ASP A 328 -25.96 5.79 -1.58
CA ASP A 328 -25.21 6.75 -2.43
C ASP A 328 -24.44 5.93 -3.47
N PRO A 329 -25.07 5.63 -4.60
CA PRO A 329 -24.36 4.88 -5.61
C PRO A 329 -23.66 5.78 -6.57
N LEU A 330 -22.39 5.59 -6.73
CA LEU A 330 -21.56 6.41 -7.60
C LEU A 330 -20.93 5.58 -8.68
N VAL A 331 -20.74 6.21 -9.82
CA VAL A 331 -20.01 5.60 -10.95
C VAL A 331 -18.98 6.63 -11.37
N LEU A 332 -17.72 6.30 -11.20
CA LEU A 332 -16.67 7.30 -11.49
C LEU A 332 -16.24 7.11 -12.97
N ASN A 333 -16.07 8.22 -13.66
CA ASN A 333 -15.49 8.24 -15.00
C ASN A 333 -13.98 8.45 -14.91
N LEU A 334 -13.24 7.39 -15.11
CA LEU A 334 -11.78 7.37 -14.94
C LEU A 334 -11.14 7.45 -16.31
N ALA A 335 -10.35 8.48 -16.51
CA ALA A 335 -9.81 8.72 -17.86
C ALA A 335 -8.35 9.15 -17.82
N PHE A 336 -7.69 9.03 -18.95
CA PHE A 336 -6.30 9.51 -19.18
C PHE A 336 -6.20 10.13 -20.54
N ALA A 337 -5.57 11.29 -20.60
CA ALA A 337 -5.23 11.88 -21.89
C ALA A 337 -4.07 12.88 -21.71
N ASN A 338 -3.14 12.88 -22.66
CA ASN A 338 -2.13 13.93 -22.74
C ASN A 338 -1.32 14.08 -21.46
N GLY A 339 -1.03 12.96 -20.82
CA GLY A 339 -0.16 12.95 -19.69
C GLY A 339 -0.89 13.13 -18.37
N ARG A 340 -2.21 13.30 -18.36
CA ARG A 340 -2.92 13.57 -17.12
C ARG A 340 -4.09 12.57 -16.99
N PHE A 341 -4.29 12.16 -15.79
CA PHE A 341 -5.46 11.37 -15.44
C PHE A 341 -6.54 12.32 -14.92
N SER A 342 -7.79 11.81 -14.96
CA SER A 342 -8.90 12.56 -14.42
C SER A 342 -9.93 11.60 -13.89
N ILE A 343 -10.65 12.14 -12.92
CA ILE A 343 -11.83 11.48 -12.36
C ILE A 343 -13.01 12.42 -12.50
N ASP A 344 -14.07 12.01 -13.18
CA ASP A 344 -15.24 12.84 -13.52
C ASP A 344 -14.80 14.16 -14.17
N GLY A 345 -13.80 14.05 -15.03
CA GLY A 345 -13.36 15.16 -15.82
C GLY A 345 -12.41 16.14 -15.13
N VAL A 346 -12.00 15.84 -13.94
CA VAL A 346 -11.11 16.71 -13.15
C VAL A 346 -9.83 15.98 -12.78
N SER A 347 -8.68 16.56 -13.15
CA SER A 347 -7.40 16.04 -12.78
C SER A 347 -7.02 16.57 -11.39
N PHE A 348 -6.62 15.71 -10.47
CA PHE A 348 -6.25 16.15 -9.12
C PHE A 348 -4.94 16.92 -9.08
N VAL A 349 -5.01 18.11 -8.57
CA VAL A 349 -3.85 18.92 -8.27
C VAL A 349 -3.95 19.33 -6.81
N PRO A 350 -2.95 18.98 -5.97
CA PRO A 350 -3.12 19.22 -4.55
C PRO A 350 -3.38 20.69 -4.26
N PRO A 351 -4.27 21.01 -3.31
CA PRO A 351 -4.54 22.39 -2.98
C PRO A 351 -3.49 22.99 -2.07
N THR A 352 -3.50 24.29 -1.96
CA THR A 352 -2.61 25.02 -1.04
C THR A 352 -2.95 24.83 0.42
N VAL A 353 -4.26 24.85 0.74
CA VAL A 353 -4.71 24.67 2.13
C VAL A 353 -5.19 23.21 2.17
N PRO A 354 -4.70 22.42 3.12
CA PRO A 354 -5.14 21.05 3.15
C PRO A 354 -6.68 20.95 3.29
N VAL A 355 -7.27 19.94 2.66
CA VAL A 355 -8.72 19.76 2.71
C VAL A 355 -9.23 19.74 4.16
N LEU A 356 -8.60 19.02 5.07
CA LEU A 356 -9.10 18.99 6.44
C LEU A 356 -9.11 20.38 7.06
N LEU A 357 -8.05 21.19 6.83
CA LEU A 357 -8.01 22.52 7.35
C LEU A 357 -9.10 23.42 6.78
N GLN A 358 -9.41 23.24 5.48
CA GLN A 358 -10.48 24.02 4.88
C GLN A 358 -11.84 23.67 5.58
N ILE A 359 -12.03 22.41 5.88
CA ILE A 359 -13.26 22.01 6.59
C ILE A 359 -13.27 22.59 8.00
N LEU A 360 -12.19 22.44 8.72
CA LEU A 360 -12.19 22.96 10.09
C LEU A 360 -12.31 24.49 10.17
N SER A 361 -11.92 25.17 9.10
CA SER A 361 -12.14 26.62 8.94
C SER A 361 -13.56 27.03 8.52
N GLY A 362 -14.46 26.08 8.27
CA GLY A 362 -15.82 26.41 8.02
C GLY A 362 -16.40 26.14 6.68
N ALA A 363 -15.67 25.53 5.77
CA ALA A 363 -16.19 25.24 4.43
C ALA A 363 -17.07 24.09 4.64
N GLN A 364 -18.34 24.28 4.38
CA GLN A 364 -19.27 23.20 4.71
C GLN A 364 -20.08 22.62 3.58
N ASN A 365 -19.63 22.75 2.34
CA ASN A 365 -20.08 21.77 1.34
C ASN A 365 -18.93 21.51 0.41
N ALA A 366 -19.05 20.42 -0.33
CA ALA A 366 -17.96 20.01 -1.15
C ALA A 366 -17.73 20.93 -2.30
N GLN A 367 -18.78 21.63 -2.78
CA GLN A 367 -18.60 22.69 -3.81
C GLN A 367 -17.75 23.89 -3.31
N ASP A 368 -17.70 24.10 -1.99
CA ASP A 368 -16.84 25.16 -1.38
C ASP A 368 -15.37 24.69 -1.11
C ASP A 368 -15.38 24.69 -1.46
N LEU A 369 -15.05 23.43 -1.43
N LEU A 369 -15.12 23.41 -1.21
CA LEU A 369 -13.78 22.88 -1.06
C LEU A 369 -12.90 22.85 -2.27
N LEU A 370 -11.61 23.11 -2.06
CA LEU A 370 -10.63 23.10 -3.11
C LEU A 370 -9.82 21.80 -3.00
N PRO A 371 -9.41 21.21 -4.10
CA PRO A 371 -9.56 21.72 -5.44
C PRO A 371 -10.99 21.56 -5.97
N ALA A 372 -11.49 22.55 -6.68
CA ALA A 372 -12.88 22.45 -7.21
C ALA A 372 -13.09 21.25 -8.10
N GLY A 373 -14.13 20.47 -7.78
CA GLY A 373 -14.48 19.33 -8.58
C GLY A 373 -13.77 18.08 -8.13
N SER A 374 -12.76 18.16 -7.26
CA SER A 374 -12.03 17.02 -6.78
C SER A 374 -12.47 16.53 -5.43
N VAL A 375 -13.40 17.20 -4.77
CA VAL A 375 -13.86 16.81 -3.44
C VAL A 375 -15.37 16.48 -3.57
N ILE A 376 -15.68 15.26 -3.21
CA ILE A 376 -17.07 14.74 -3.28
C ILE A 376 -17.57 14.46 -1.90
N SER A 377 -18.72 15.01 -1.52
CA SER A 377 -19.22 14.78 -0.20
C SER A 377 -19.89 13.43 -0.13
N LEU A 378 -19.73 12.73 0.97
CA LEU A 378 -20.50 11.59 1.29
C LEU A 378 -21.36 11.81 2.54
N PRO A 379 -22.60 11.28 2.54
CA PRO A 379 -23.44 11.43 3.74
C PRO A 379 -23.03 10.43 4.80
N SER A 380 -23.35 10.76 6.03
CA SER A 380 -23.06 9.92 7.17
C SER A 380 -23.97 8.70 7.23
N ASN A 381 -23.50 7.63 7.86
CA ASN A 381 -24.24 6.45 8.19
C ASN A 381 -25.00 5.86 7.03
N SER A 382 -24.35 5.81 5.89
CA SER A 382 -24.94 5.45 4.62
C SER A 382 -24.14 4.41 3.94
N VAL A 383 -24.81 3.59 3.15
CA VAL A 383 -24.11 2.62 2.29
C VAL A 383 -23.70 3.30 1.02
N ILE A 384 -22.40 3.24 0.72
CA ILE A 384 -21.85 3.82 -0.47
C ILE A 384 -21.43 2.70 -1.44
N GLU A 385 -21.76 2.87 -2.74
CA GLU A 385 -21.25 1.99 -3.77
C GLU A 385 -20.44 2.79 -4.73
N VAL A 386 -19.28 2.33 -5.11
CA VAL A 386 -18.46 3.04 -6.07
C VAL A 386 -18.08 2.06 -7.18
N ALA A 387 -18.55 2.35 -8.39
CA ALA A 387 -18.13 1.63 -9.57
C ALA A 387 -16.94 2.37 -10.18
N LEU A 388 -15.95 1.59 -10.57
CA LEU A 388 -14.65 2.09 -11.09
C LEU A 388 -14.35 1.44 -12.43
N PRO A 389 -15.10 1.76 -13.48
CA PRO A 389 -14.95 1.03 -14.73
C PRO A 389 -13.58 1.34 -15.38
N ALA A 390 -12.86 0.30 -15.80
CA ALA A 390 -11.50 0.41 -16.30
C ALA A 390 -11.51 0.86 -17.79
N GLY A 391 -10.33 1.09 -18.31
CA GLY A 391 -10.18 1.58 -19.68
C GLY A 391 -9.08 2.62 -19.82
N ALA A 392 -8.85 3.43 -18.78
CA ALA A 392 -7.78 4.42 -18.80
C ALA A 392 -6.40 3.78 -19.02
N ALA A 393 -5.58 4.39 -19.85
CA ALA A 393 -4.24 3.87 -20.12
C ALA A 393 -3.42 3.71 -18.81
N GLY A 394 -2.47 2.78 -18.92
CA GLY A 394 -1.52 2.55 -17.86
C GLY A 394 -1.99 1.50 -16.87
N GLY A 395 -3.07 0.76 -17.20
CA GLY A 395 -3.59 -0.19 -16.24
C GLY A 395 -2.83 -1.49 -16.24
N PRO A 396 -3.19 -2.43 -15.35
CA PRO A 396 -4.36 -2.37 -14.45
C PRO A 396 -4.12 -1.50 -13.21
N HIS A 397 -5.04 -0.62 -12.91
CA HIS A 397 -4.86 0.39 -11.86
C HIS A 397 -5.34 -0.14 -10.52
N PRO A 398 -4.45 -0.13 -9.47
CA PRO A 398 -4.84 -0.52 -8.12
C PRO A 398 -5.38 0.61 -7.35
N PHE A 399 -6.69 0.72 -7.21
CA PHE A 399 -7.31 1.81 -6.50
C PHE A 399 -7.37 1.55 -5.02
N HIS A 400 -7.14 2.63 -4.25
CA HIS A 400 -7.06 2.56 -2.80
C HIS A 400 -7.89 3.65 -2.16
N LEU A 401 -8.61 3.31 -1.09
CA LEU A 401 -9.37 4.25 -0.35
C LEU A 401 -8.85 4.34 1.08
N HIS A 402 -8.54 5.59 1.52
CA HIS A 402 -8.13 5.79 2.90
C HIS A 402 -9.33 5.72 3.86
N GLY A 403 -9.05 5.43 5.13
CA GLY A 403 -10.09 5.56 6.15
C GLY A 403 -11.04 4.37 6.31
N HIS A 404 -10.90 3.41 5.39
CA HIS A 404 -11.90 2.37 5.18
C HIS A 404 -11.30 1.16 4.56
N ASN A 405 -11.93 0.00 4.79
CA ASN A 405 -11.84 -1.07 3.85
C ASN A 405 -13.28 -1.22 3.22
N PHE A 406 -13.34 -2.12 2.24
CA PHE A 406 -14.58 -2.20 1.43
C PHE A 406 -14.74 -3.59 0.94
N ALA A 407 -16.04 -3.93 0.67
CA ALA A 407 -16.37 -5.20 0.00
C ALA A 407 -16.09 -5.05 -1.47
N VAL A 408 -15.44 -6.03 -2.04
CA VAL A 408 -15.17 -6.01 -3.46
C VAL A 408 -16.36 -6.81 -4.12
N VAL A 409 -17.38 -6.08 -4.47
CA VAL A 409 -18.58 -6.74 -5.04
C VAL A 409 -18.32 -7.24 -6.43
N GLN A 410 -17.50 -6.62 -7.22
CA GLN A 410 -17.15 -7.14 -8.53
C GLN A 410 -15.65 -6.91 -8.70
N SER A 411 -14.97 -7.95 -9.15
CA SER A 411 -13.55 -7.99 -9.35
C SER A 411 -13.18 -7.94 -10.80
N ALA A 412 -11.87 -7.80 -11.04
CA ALA A 412 -11.34 -7.81 -12.38
C ALA A 412 -11.63 -9.08 -13.10
N ASN A 413 -11.85 -8.92 -14.40
CA ASN A 413 -11.95 -10.01 -15.34
C ASN A 413 -13.13 -10.95 -15.14
N ASN A 414 -14.15 -10.48 -14.45
CA ASN A 414 -15.31 -11.33 -14.15
C ASN A 414 -16.48 -10.41 -14.02
N ALA A 415 -17.47 -10.54 -14.88
CA ALA A 415 -18.58 -9.61 -14.95
C ALA A 415 -19.64 -9.90 -13.88
N THR A 416 -19.51 -10.96 -13.12
CA THR A 416 -20.54 -11.36 -12.17
C THR A 416 -20.29 -10.73 -10.78
N PRO A 417 -21.19 -9.94 -10.22
CA PRO A 417 -21.00 -9.42 -8.88
C PRO A 417 -21.28 -10.50 -7.83
N ASN A 418 -20.80 -10.26 -6.60
CA ASN A 418 -21.00 -11.10 -5.44
C ASN A 418 -21.48 -10.27 -4.28
N TYR A 419 -22.80 -10.39 -4.01
CA TYR A 419 -23.40 -9.63 -2.94
C TYR A 419 -23.54 -10.46 -1.65
N VAL A 420 -22.88 -11.61 -1.59
CA VAL A 420 -23.08 -12.54 -0.46
C VAL A 420 -21.78 -12.58 0.42
N ASN A 421 -20.65 -12.94 -0.19
CA ASN A 421 -19.46 -13.17 0.62
C ASN A 421 -18.12 -12.79 -0.02
N PRO A 422 -18.09 -11.68 -0.71
CA PRO A 422 -16.83 -11.27 -1.30
C PRO A 422 -15.78 -10.87 -0.20
N ILE A 423 -14.51 -10.95 -0.58
CA ILE A 423 -13.49 -10.41 0.29
C ILE A 423 -13.68 -8.93 0.46
N TRP A 424 -13.24 -8.46 1.63
CA TRP A 424 -13.08 -7.05 1.90
C TRP A 424 -11.57 -6.71 1.89
N ARG A 425 -11.23 -5.54 1.37
CA ARG A 425 -9.79 -5.14 1.31
C ARG A 425 -9.74 -3.64 1.18
N ASP A 426 -8.46 -3.11 1.00
CA ASP A 426 -8.35 -1.66 0.86
C ASP A 426 -7.74 -1.19 -0.43
N THR A 427 -7.22 -2.09 -1.23
CA THR A 427 -6.59 -1.73 -2.52
C THR A 427 -7.02 -2.80 -3.53
N VAL A 428 -7.56 -2.36 -4.67
CA VAL A 428 -8.13 -3.37 -5.59
C VAL A 428 -7.76 -3.04 -6.99
N SER A 429 -7.34 -4.02 -7.76
CA SER A 429 -7.15 -3.79 -9.20
C SER A 429 -8.53 -3.58 -9.89
N ILE A 430 -8.61 -2.54 -10.68
CA ILE A 430 -9.87 -2.30 -11.42
C ILE A 430 -9.88 -3.02 -12.76
N GLY A 431 -8.83 -3.77 -13.11
CA GLY A 431 -8.92 -4.66 -14.23
C GLY A 431 -8.69 -4.02 -15.58
N GLY A 432 -9.33 -4.56 -16.60
CA GLY A 432 -9.05 -4.20 -17.96
C GLY A 432 -10.31 -3.69 -18.65
N THR A 433 -10.13 -3.39 -19.92
CA THR A 433 -11.15 -2.74 -20.72
C THR A 433 -12.48 -3.55 -20.61
N GLY A 434 -13.58 -2.85 -20.32
CA GLY A 434 -14.88 -3.41 -20.09
C GLY A 434 -15.22 -3.91 -18.70
N ASP A 435 -14.24 -3.94 -17.81
CA ASP A 435 -14.51 -4.35 -16.44
C ASP A 435 -15.28 -3.28 -15.68
N ASN A 436 -15.93 -3.70 -14.62
CA ASN A 436 -16.69 -2.84 -13.78
C ASN A 436 -16.53 -3.19 -12.33
N VAL A 437 -15.27 -3.10 -11.88
CA VAL A 437 -14.96 -3.32 -10.49
C VAL A 437 -15.72 -2.35 -9.64
N THR A 438 -16.30 -2.88 -8.57
CA THR A 438 -17.23 -2.11 -7.74
C THR A 438 -16.99 -2.45 -6.28
N ILE A 439 -17.06 -1.40 -5.44
CA ILE A 439 -16.78 -1.55 -4.03
C ILE A 439 -17.96 -1.01 -3.22
N ARG A 440 -18.13 -1.53 -2.02
CA ARG A 440 -19.14 -1.00 -1.12
C ARG A 440 -18.57 -0.83 0.28
N PHE A 441 -19.09 0.17 0.96
CA PHE A 441 -18.70 0.41 2.38
C PHE A 441 -19.77 1.30 3.01
N THR A 442 -19.71 1.46 4.32
CA THR A 442 -20.64 2.31 5.04
C THR A 442 -19.87 3.47 5.66
N THR A 443 -20.44 4.64 5.63
CA THR A 443 -19.80 5.84 6.16
C THR A 443 -19.89 6.14 7.66
C THR A 443 -20.03 5.81 7.68
N ASN A 444 -19.00 5.50 8.43
CA ASN A 444 -19.02 5.66 9.87
C ASN A 444 -17.71 6.27 10.38
N ASN A 445 -17.06 7.05 9.55
CA ASN A 445 -15.72 7.64 9.87
C ASN A 445 -15.60 9.02 9.28
N PRO A 446 -16.07 10.05 10.01
CA PRO A 446 -16.05 11.40 9.43
C PRO A 446 -14.64 11.90 9.10
N GLY A 447 -14.48 12.52 7.95
CA GLY A 447 -13.22 13.14 7.56
C GLY A 447 -13.01 13.08 6.06
N PRO A 448 -12.01 13.80 5.54
CA PRO A 448 -11.65 13.71 4.15
C PRO A 448 -10.72 12.54 3.89
N TRP A 449 -11.18 11.63 3.03
CA TRP A 449 -10.46 10.37 2.76
C TRP A 449 -10.07 10.33 1.30
N PHE A 450 -8.79 10.14 1.01
CA PHE A 450 -8.33 10.08 -0.33
C PHE A 450 -8.73 8.79 -1.01
N LEU A 451 -9.06 8.88 -2.27
CA LEU A 451 -9.30 7.72 -3.15
C LEU A 451 -8.42 7.87 -4.41
N HIS A 452 -7.58 6.93 -4.69
CA HIS A 452 -6.65 7.19 -5.79
C HIS A 452 -6.05 5.89 -6.26
N CYS A 453 -5.53 5.94 -7.48
CA CYS A 453 -4.68 4.87 -8.00
C CYS A 453 -3.40 4.86 -7.19
N HIS A 454 -2.99 3.71 -6.74
CA HIS A 454 -1.75 3.56 -5.95
C HIS A 454 -0.53 3.35 -6.79
N ILE A 455 -0.58 3.46 -8.10
CA ILE A 455 0.65 3.64 -8.90
C ILE A 455 1.03 5.08 -8.71
N ASP A 456 2.15 5.30 -8.03
CA ASP A 456 2.42 6.65 -7.58
C ASP A 456 2.61 7.67 -8.66
N TRP A 457 3.07 7.18 -9.82
CA TRP A 457 3.24 8.03 -10.97
C TRP A 457 1.91 8.53 -11.50
N HIS A 458 0.87 7.71 -11.29
CA HIS A 458 -0.51 8.10 -11.75
C HIS A 458 -1.16 9.03 -10.78
N LEU A 459 -0.95 8.80 -9.48
CA LEU A 459 -1.41 9.75 -8.49
C LEU A 459 -0.85 11.12 -8.78
N GLU A 460 0.47 11.18 -9.03
CA GLU A 460 1.11 12.44 -9.33
C GLU A 460 0.58 13.12 -10.57
N ALA A 461 0.13 12.33 -11.55
CA ALA A 461 -0.49 12.88 -12.73
C ALA A 461 -2.00 13.05 -12.65
N GLY A 462 -2.55 13.01 -11.45
CA GLY A 462 -3.89 13.48 -11.19
C GLY A 462 -4.96 12.44 -10.94
N PHE A 463 -4.62 11.17 -10.73
CA PHE A 463 -5.66 10.08 -10.68
C PHE A 463 -6.18 9.87 -9.26
N ALA A 464 -6.99 10.86 -8.80
CA ALA A 464 -7.40 10.93 -7.41
C ALA A 464 -8.63 11.82 -7.25
N ILE A 465 -9.39 11.55 -6.20
CA ILE A 465 -10.41 12.41 -5.69
C ILE A 465 -10.37 12.29 -4.15
N VAL A 466 -11.02 13.24 -3.49
CA VAL A 466 -11.17 13.18 -2.01
C VAL A 466 -12.66 12.99 -1.71
N PHE A 467 -12.95 11.97 -0.89
CA PHE A 467 -14.31 11.80 -0.32
C PHE A 467 -14.35 12.54 1.00
N ALA A 468 -15.11 13.62 1.05
CA ALA A 468 -15.32 14.38 2.28
C ALA A 468 -16.50 13.74 2.99
N GLU A 469 -16.22 12.74 3.82
CA GLU A 469 -17.26 11.97 4.49
C GLU A 469 -17.76 12.77 5.71
N ASP A 470 -19.08 12.97 5.72
CA ASP A 470 -19.71 13.62 6.85
C ASP A 470 -19.00 14.93 7.25
N ILE A 471 -19.02 15.85 6.32
CA ILE A 471 -18.46 17.21 6.57
C ILE A 471 -18.97 17.82 7.87
N PRO A 472 -20.29 17.77 8.16
CA PRO A 472 -20.74 18.45 9.36
C PRO A 472 -20.19 17.95 10.63
N ASP A 473 -19.81 16.67 10.70
CA ASP A 473 -19.30 16.11 11.93
C ASP A 473 -17.73 16.07 11.95
N THR A 474 -17.01 16.46 10.89
CA THR A 474 -15.63 16.33 10.83
C THR A 474 -14.89 17.02 11.94
N ALA A 475 -15.27 18.25 12.25
CA ALA A 475 -14.56 18.99 13.32
C ALA A 475 -14.73 18.39 14.69
N SER A 476 -15.97 18.04 15.03
CA SER A 476 -16.23 17.47 16.36
C SER A 476 -15.59 16.09 16.47
N ALA A 477 -15.55 15.36 15.37
CA ALA A 477 -15.04 13.98 15.42
C ALA A 477 -13.53 13.93 15.49
N ASN A 478 -12.84 14.92 14.95
CA ASN A 478 -11.40 14.91 14.77
C ASN A 478 -10.70 16.08 15.46
N PRO A 479 -10.77 16.19 16.79
CA PRO A 479 -9.98 17.26 17.43
C PRO A 479 -8.51 17.22 17.05
N VAL A 480 -7.91 18.36 16.84
CA VAL A 480 -6.57 18.43 16.31
C VAL A 480 -5.60 18.94 17.38
N PRO A 481 -4.40 18.37 17.44
CA PRO A 481 -3.41 18.89 18.39
C PRO A 481 -2.77 20.18 17.89
N GLN A 482 -2.22 20.97 18.83
CA GLN A 482 -1.56 22.20 18.45
C GLN A 482 -0.43 21.94 17.42
N ALA A 483 0.31 20.86 17.58
CA ALA A 483 1.41 20.60 16.62
C ALA A 483 0.90 20.49 15.19
N TRP A 484 -0.30 19.91 15.01
CA TRP A 484 -0.89 19.81 13.65
C TRP A 484 -1.26 21.22 13.16
N SER A 485 -1.88 22.01 14.05
CA SER A 485 -2.24 23.36 13.69
C SER A 485 -1.02 24.22 13.26
N ASP A 486 0.11 23.90 13.82
CA ASP A 486 1.38 24.58 13.51
C ASP A 486 2.01 24.18 12.18
N LEU A 487 1.56 23.09 11.58
CA LEU A 487 2.21 22.62 10.34
C LEU A 487 2.02 23.55 9.18
N CYS A 488 0.81 24.04 8.94
CA CYS A 488 0.59 24.87 7.77
C CYS A 488 1.30 26.23 7.85
N PRO A 489 1.23 26.93 8.99
CA PRO A 489 2.00 28.20 9.04
C PRO A 489 3.51 27.98 8.82
N ALA A 490 4.04 26.88 9.39
CA ALA A 490 5.50 26.62 9.24
C ALA A 490 5.87 26.29 7.80
N TYR A 491 5.04 25.48 7.15
CA TYR A 491 5.30 25.11 5.74
C TYR A 491 5.18 26.34 4.84
N ASP A 492 4.14 27.11 5.02
CA ASP A 492 3.92 28.26 4.18
C ASP A 492 5.00 29.33 4.37
N GLN A 493 5.49 29.52 5.60
CA GLN A 493 6.59 30.45 5.85
C GLN A 493 7.80 29.93 5.11
N ALA A 494 8.11 28.64 5.27
CA ALA A 494 9.39 28.14 4.72
C ALA A 494 9.42 28.17 3.18
N HIS A 495 8.23 28.06 2.57
CA HIS A 495 8.04 28.05 1.13
C HIS A 495 7.58 29.42 0.54
N ASN A 496 7.51 30.46 1.37
CA ASN A 496 7.06 31.82 0.93
C ASN A 496 5.69 31.77 0.18
N ILE A 497 4.77 31.01 0.76
CA ILE A 497 3.38 30.95 0.30
C ILE A 497 2.57 31.90 1.16
N SER A 498 1.78 32.75 0.49
C1 NAG B . -20.86 -0.19 -14.11
C2 NAG B . -21.41 0.18 -15.49
C3 NAG B . -22.24 1.42 -15.41
C4 NAG B . -23.34 1.23 -14.34
C5 NAG B . -22.69 0.85 -13.00
C6 NAG B . -23.73 0.67 -11.89
C7 NAG B . -19.80 -0.58 -17.15
C8 NAG B . -18.65 -0.11 -18.03
N2 NAG B . -20.28 0.40 -16.39
O3 NAG B . -22.83 1.54 -16.70
O4 NAG B . -24.01 2.48 -14.18
O5 NAG B . -21.92 -0.35 -13.18
O6 NAG B . -23.06 0.31 -10.68
O7 NAG B . -20.21 -1.76 -17.20
H1 NAG B . -20.26 0.66 -13.77
H2 NAG B . -22.05 -0.64 -15.85
H3 NAG B . -21.62 2.29 -15.16
H4 NAG B . -24.03 0.43 -14.65
H5 NAG B . -22.03 1.67 -12.71
H61 NAG B . -24.45 -0.10 -12.17
H62 NAG B . -24.28 1.61 -11.73
H81 NAG B . -17.72 -0.34 -17.55
H82 NAG B . -18.69 -0.60 -18.95
H83 NAG B . -18.70 0.94 -18.20
HN2 NAG B . -19.87 1.32 -16.41
C1 NAG B . -25.14 2.74 -14.93
C2 NAG B . -26.03 3.63 -14.06
C3 NAG B . -27.30 4.03 -14.87
C4 NAG B . -26.92 4.53 -16.26
C5 NAG B . -25.86 3.70 -17.01
C6 NAG B . -25.26 4.40 -18.22
C7 NAG B . -27.07 1.83 -12.52
C8 NAG B . -27.71 0.96 -13.57
N2 NAG B . -26.39 3.01 -12.77
O3 NAG B . -27.94 5.10 -14.14
O4 NAG B . -28.13 4.65 -17.10
O5 NAG B . -24.77 3.37 -16.12
O6 NAG B . -24.15 3.62 -18.59
O7 NAG B . -27.19 1.39 -11.37
H1 NAG B . -25.69 1.84 -15.21
H2 NAG B . -25.46 4.55 -13.86
H3 NAG B . -27.99 3.19 -14.98
H4 NAG B . -26.49 5.55 -16.14
H5 NAG B . -26.34 2.77 -17.36
H61 NAG B . -24.94 5.42 -17.95
H62 NAG B . -25.98 4.45 -19.02
C1 NAG C . -16.82 -14.98 -11.14
C2 NAG C . -16.27 -16.34 -10.78
C3 NAG C . -17.42 -17.13 -10.16
C4 NAG C . -18.08 -16.41 -9.04
C5 NAG C . -18.46 -14.99 -9.44
C6 NAG C . -19.02 -14.13 -8.32
C7 NAG C . -14.58 -17.61 -12.03
C8 NAG C . -14.25 -18.24 -13.34
N2 NAG C . -15.75 -16.99 -11.96
O3 NAG C . -16.82 -18.36 -9.70
O4 NAG C . -19.33 -17.04 -8.72
O5 NAG C . -17.33 -14.33 -9.99
O6 NAG C . -18.03 -13.90 -7.33
O7 NAG C . -13.84 -17.71 -10.99
H1 NAG C . -17.63 -15.14 -11.85
H2 NAG C . -15.49 -16.20 -10.03
H3 NAG C . -18.16 -17.35 -10.93
H4 NAG C . -17.41 -16.39 -8.17
H5 NAG C . -19.25 -15.07 -10.20
H61 NAG C . -19.88 -14.62 -7.86
H62 NAG C . -19.35 -13.18 -8.73
H81 NAG C . -13.23 -18.52 -13.36
H82 NAG C . -14.85 -19.09 -13.49
H83 NAG C . -14.43 -17.54 -14.13
HN2 NAG C . -16.33 -16.94 -12.80
C1 NAG C . -19.41 -17.72 -7.54
C2 NAG C . -20.92 -17.96 -7.20
C3 NAG C . -21.03 -18.86 -5.99
C4 NAG C . -20.25 -20.13 -6.16
C5 NAG C . -18.79 -19.78 -6.54
C6 NAG C . -17.86 -20.96 -6.76
C7 NAG C . -22.31 -16.08 -7.88
C8 NAG C . -23.01 -14.82 -7.52
N2 NAG C . -21.55 -16.67 -6.92
O3 NAG C . -22.40 -19.13 -5.70
O4 NAG C . -20.32 -20.67 -4.85
O5 NAG C . -18.82 -19.01 -7.72
O6 NAG C . -18.40 -21.79 -7.79
O7 NAG C . -22.41 -16.52 -9.01
H1 NAG C . -18.94 -17.20 -6.71
H2 NAG C . -21.39 -18.46 -8.05
H3 NAG C . -20.60 -18.32 -5.14
H4 NAG C . -20.72 -20.79 -6.91
H5 NAG C . -18.38 -19.19 -5.71
H61 NAG C . -17.75 -21.54 -5.84
H62 NAG C . -16.87 -20.61 -7.06
H81 NAG C . -22.90 -14.12 -8.32
H82 NAG C . -24.03 -15.01 -7.36
H83 NAG C . -22.59 -14.40 -6.64
HN2 NAG C . -21.46 -16.27 -6.00
CU CU D . -3.18 7.64 -0.46
CU CU E . -0.48 3.38 0.61
CU CU F . -3.90 4.51 2.43
CU CU G . -2.97 3.87 -12.21
F F H . -5.41 3.91 4.41
O1 OXY I . -6.32 3.46 13.00
O2 OXY I . -5.75 4.45 12.92
#